data_7MFZ
#
_entry.id   7MFZ
#
_cell.length_a   36.932
_cell.length_b   102.410
_cell.length_c   108.478
_cell.angle_alpha   90.000
_cell.angle_beta   90.000
_cell.angle_gamma   90.000
#
_symmetry.space_group_name_H-M   'P 2 21 21'
#
loop_
_entity.id
_entity.type
_entity.pdbx_description
1 polymer 'Retinol-binding protein 2'
2 non-polymer 1-(4-{5-[(2E)-but-2-en-2-yl]thiophen-2-yl}phenyl)azetidine
3 non-polymer 'ACETATE ION'
4 non-polymer GLYCEROL
5 water water
#
_entity_poly.entity_id   1
_entity_poly.type   'polypeptide(L)'
_entity_poly.pdbx_seq_one_letter_code
;TRDFNGTWEMESNENFEGYMKALDIDFATRKIAVRLTFTDVIDQDGDNFKTKATSTFLNYDVDFTVGVEFDEYTKSLDNR
HVKALVTWEGDVLVCVQKGEKENRGWKKWIEGDKLYLELTCGDQVCRQVFKKK
;
_entity_poly.pdbx_strand_id   A,B,C
#
# COMPACT_ATOMS: atom_id res chain seq x y z
N THR A 1 15.14 -30.20 8.06
CA THR A 1 13.99 -30.19 8.95
C THR A 1 12.66 -30.02 8.23
N ARG A 2 11.59 -30.48 8.86
CA ARG A 2 10.23 -30.31 8.37
C ARG A 2 9.42 -29.34 9.23
N ASP A 3 10.08 -28.56 10.08
CA ASP A 3 9.41 -27.59 10.95
C ASP A 3 9.48 -26.20 10.31
N PHE A 4 8.39 -25.78 9.66
CA PHE A 4 8.29 -24.49 9.00
C PHE A 4 7.65 -23.43 9.90
N ASN A 5 7.40 -23.78 11.17
CA ASN A 5 6.77 -22.85 12.09
C ASN A 5 7.59 -21.56 12.20
N GLY A 6 6.91 -20.43 12.08
CA GLY A 6 7.57 -19.17 12.37
C GLY A 6 6.97 -18.02 11.59
N THR A 7 7.50 -16.86 11.89
CA THR A 7 7.19 -15.63 11.20
C THR A 7 8.43 -15.26 10.42
N TRP A 8 8.30 -15.20 9.11
CA TRP A 8 9.43 -15.20 8.19
C TRP A 8 9.49 -13.87 7.45
N GLU A 9 10.63 -13.18 7.57
CA GLU A 9 10.78 -11.85 7.00
C GLU A 9 11.61 -11.95 5.72
N MET A 10 11.05 -11.48 4.61
CA MET A 10 11.74 -11.58 3.34
C MET A 10 13.09 -10.87 3.41
N GLU A 11 14.10 -11.54 2.87
CA GLU A 11 15.47 -11.07 2.78
C GLU A 11 15.97 -10.89 1.36
N SER A 12 15.38 -11.57 0.38
CA SER A 12 15.77 -11.45 -1.01
C SER A 12 14.63 -11.96 -1.88
N ASN A 13 14.55 -11.44 -3.10
CA ASN A 13 13.41 -11.70 -3.98
C ASN A 13 13.89 -11.58 -5.42
N GLU A 14 14.14 -12.71 -6.07
CA GLU A 14 14.70 -12.74 -7.41
C GLU A 14 13.66 -13.12 -8.44
N ASN A 15 13.72 -12.45 -9.59
CA ASN A 15 12.86 -12.68 -10.73
C ASN A 15 11.39 -12.68 -10.34
N PHE A 16 11.02 -11.78 -9.43
CA PHE A 16 9.60 -11.62 -9.14
C PHE A 16 8.88 -11.05 -10.34
N GLU A 17 9.55 -10.21 -11.13
CA GLU A 17 8.95 -9.60 -12.31
C GLU A 17 8.64 -10.66 -13.38
N GLY A 18 9.59 -11.57 -13.64
CA GLY A 18 9.35 -12.59 -14.64
C GLY A 18 8.21 -13.52 -14.29
N TYR A 19 8.14 -13.94 -13.01
CA TYR A 19 7.06 -14.81 -12.56
C TYR A 19 5.70 -14.17 -12.76
N MET A 20 5.56 -12.91 -12.38
CA MET A 20 4.30 -12.18 -12.54
C MET A 20 3.92 -12.02 -14.01
N LYS A 21 4.90 -11.74 -14.88
CA LYS A 21 4.59 -11.69 -16.31
C LYS A 21 4.07 -13.03 -16.79
N ALA A 22 4.67 -14.13 -16.32
CA ALA A 22 4.18 -15.46 -16.67
C ALA A 22 2.74 -15.68 -16.23
N LEU A 23 2.28 -14.94 -15.21
CA LEU A 23 0.92 -15.02 -14.71
C LEU A 23 -0.02 -14.01 -15.35
N ASP A 24 0.48 -13.19 -16.29
CA ASP A 24 -0.33 -12.22 -17.01
C ASP A 24 -0.82 -11.10 -16.10
N ILE A 25 -0.02 -10.74 -15.11
CA ILE A 25 -0.37 -9.65 -14.23
C ILE A 25 -0.13 -8.32 -14.93
N ASP A 26 -1.10 -7.41 -14.80
CA ASP A 26 -1.06 -6.15 -15.52
C ASP A 26 0.14 -5.27 -15.12
N PHE A 27 0.59 -4.47 -16.09
CA PHE A 27 1.77 -3.63 -15.94
C PHE A 27 1.71 -2.79 -14.67
N ALA A 28 0.58 -2.13 -14.42
CA ALA A 28 0.45 -1.31 -13.22
C ALA A 28 0.73 -2.12 -11.97
N THR A 29 0.07 -3.27 -11.84
CA THR A 29 0.29 -4.10 -10.67
C THR A 29 1.74 -4.54 -10.53
N ARG A 30 2.39 -4.90 -11.63
CA ARG A 30 3.78 -5.34 -11.52
C ARG A 30 4.67 -4.22 -10.99
N LYS A 31 4.41 -2.98 -11.42
CA LYS A 31 5.23 -1.86 -10.96
C LYS A 31 5.04 -1.60 -9.48
N ILE A 32 3.91 -1.99 -8.89
CA ILE A 32 3.76 -1.86 -7.44
C ILE A 32 4.40 -3.03 -6.74
N ALA A 33 4.05 -4.24 -7.17
CA ALA A 33 4.43 -5.46 -6.46
C ALA A 33 5.92 -5.56 -6.31
N VAL A 34 6.66 -4.99 -7.26
CA VAL A 34 8.10 -4.98 -7.16
C VAL A 34 8.60 -4.05 -6.06
N ARG A 35 7.75 -3.21 -5.48
CA ARG A 35 8.15 -2.33 -4.39
C ARG A 35 7.74 -2.86 -3.03
N LEU A 36 7.34 -4.12 -2.96
CA LEU A 36 6.86 -4.70 -1.70
C LEU A 36 7.86 -5.70 -1.15
N THR A 37 7.84 -5.88 0.19
CA THR A 37 8.43 -7.00 0.89
CA THR A 37 8.41 -7.05 0.82
C THR A 37 7.32 -7.77 1.58
N PHE A 38 7.60 -9.03 1.90
CA PHE A 38 6.60 -9.93 2.43
C PHE A 38 7.06 -10.48 3.76
N THR A 39 6.11 -10.63 4.68
CA THR A 39 6.31 -11.39 5.89
C THR A 39 5.35 -12.58 5.85
N ASP A 40 5.89 -13.80 5.79
CA ASP A 40 5.08 -15.01 5.72
C ASP A 40 5.04 -15.68 7.10
N VAL A 41 3.84 -15.86 7.62
CA VAL A 41 3.61 -16.52 8.90
C VAL A 41 3.11 -17.91 8.60
N ILE A 42 3.79 -18.92 9.14
CA ILE A 42 3.42 -20.32 8.94
C ILE A 42 3.07 -20.92 10.30
N ASP A 43 1.86 -21.45 10.42
CA ASP A 43 1.44 -22.18 11.62
C ASP A 43 1.27 -23.65 11.20
N GLN A 44 2.18 -24.50 11.64
CA GLN A 44 2.21 -25.90 11.20
C GLN A 44 2.14 -26.81 12.42
N ASP A 45 1.15 -27.70 12.41
CA ASP A 45 1.11 -28.82 13.35
C ASP A 45 1.16 -30.10 12.51
N GLY A 46 2.31 -30.78 12.52
CA GLY A 46 2.53 -31.96 11.70
C GLY A 46 2.42 -31.71 10.21
N ASP A 47 1.40 -32.24 9.55
CA ASP A 47 1.21 -31.99 8.13
C ASP A 47 0.06 -31.03 7.87
N ASN A 48 -0.51 -30.43 8.92
CA ASN A 48 -1.49 -29.36 8.80
C ASN A 48 -0.83 -27.98 8.83
N PHE A 49 -1.13 -27.17 7.80
CA PHE A 49 -0.53 -25.86 7.61
C PHE A 49 -1.58 -24.78 7.52
N LYS A 50 -1.31 -23.66 8.17
CA LYS A 50 -1.99 -22.41 7.91
C LYS A 50 -0.91 -21.38 7.61
N THR A 51 -1.01 -20.67 6.48
CA THR A 51 -0.04 -19.65 6.11
C THR A 51 -0.73 -18.36 5.71
N LYS A 52 -0.10 -17.22 6.02
CA LYS A 52 -0.64 -15.91 5.68
C LYS A 52 0.53 -15.05 5.21
N ALA A 53 0.50 -14.60 3.96
CA ALA A 53 1.52 -13.70 3.43
C ALA A 53 1.02 -12.27 3.47
N THR A 54 1.78 -11.40 4.12
CA THR A 54 1.41 -10.00 4.28
C THR A 54 2.35 -9.13 3.47
N SER A 55 1.81 -8.07 2.91
CA SER A 55 2.56 -7.19 2.03
C SER A 55 2.83 -5.86 2.72
N THR A 56 4.00 -5.30 2.44
CA THR A 56 4.42 -4.07 3.09
C THR A 56 5.36 -3.36 2.14
N PHE A 57 5.41 -2.04 2.23
CA PHE A 57 6.23 -1.29 1.30
C PHE A 57 7.70 -1.31 1.72
N LEU A 58 8.56 -1.48 0.74
CA LEU A 58 10.00 -1.47 0.98
C LEU A 58 10.45 -0.11 1.46
N ASN A 59 11.20 -0.09 2.56
CA ASN A 59 11.69 1.17 3.09
C ASN A 59 12.71 1.76 2.11
N TYR A 60 12.92 3.06 2.21
CA TYR A 60 13.84 3.77 1.31
C TYR A 60 14.89 4.40 2.20
N ASP A 61 16.08 3.82 2.19
CA ASP A 61 17.18 4.28 3.02
C ASP A 61 18.08 5.22 2.25
N VAL A 62 18.71 6.11 3.02
CA VAL A 62 19.76 6.98 2.52
C VAL A 62 20.55 7.44 3.74
N ASP A 63 21.86 7.19 3.70
CA ASP A 63 22.80 7.64 4.71
C ASP A 63 23.76 8.63 4.07
N PHE A 64 24.19 9.63 4.82
CA PHE A 64 25.16 10.56 4.24
C PHE A 64 25.93 11.27 5.34
N THR A 65 27.04 11.88 4.94
CA THR A 65 27.79 12.78 5.78
C THR A 65 27.78 14.15 5.14
N VAL A 66 27.41 15.17 5.91
CA VAL A 66 27.36 16.54 5.39
C VAL A 66 28.72 16.92 4.84
N GLY A 67 28.73 17.44 3.62
CA GLY A 67 29.98 17.87 3.02
C GLY A 67 30.81 16.81 2.37
N VAL A 68 30.32 15.58 2.24
CA VAL A 68 31.03 14.53 1.53
C VAL A 68 30.20 14.10 0.33
N GLU A 69 30.64 14.49 -0.86
CA GLU A 69 29.96 14.08 -2.09
C GLU A 69 29.89 12.56 -2.24
N PHE A 70 28.85 12.10 -2.92
CA PHE A 70 28.70 10.68 -3.18
C PHE A 70 27.80 10.46 -4.37
N ASP A 71 28.15 9.48 -5.18
CA ASP A 71 27.35 9.08 -6.32
C ASP A 71 26.09 8.34 -5.88
N GLU A 72 25.04 8.53 -6.65
CA GLU A 72 23.74 7.99 -6.32
C GLU A 72 23.11 7.48 -7.61
N TYR A 73 22.66 6.24 -7.59
CA TYR A 73 21.80 5.74 -8.64
C TYR A 73 20.42 5.63 -8.02
N THR A 74 19.46 6.43 -8.54
CA THR A 74 18.19 6.70 -7.83
C THR A 74 17.26 5.52 -7.98
N LYS A 75 17.26 4.69 -6.93
CA LYS A 75 16.60 3.40 -6.80
C LYS A 75 15.08 3.40 -7.01
N SER A 76 14.34 3.69 -5.94
CA SER A 76 12.89 3.74 -5.96
C SER A 76 12.40 4.99 -6.66
N LEU A 77 13.18 5.52 -7.61
CA LEU A 77 12.76 6.73 -8.29
C LEU A 77 12.84 6.63 -9.81
N ASP A 78 13.77 7.36 -10.41
CA ASP A 78 13.88 7.42 -11.84
C ASP A 78 15.15 6.78 -12.37
N ASN A 79 15.97 6.17 -11.50
CA ASN A 79 17.19 5.47 -11.90
C ASN A 79 17.97 6.23 -12.97
N ARG A 80 18.46 7.40 -12.55
CA ARG A 80 19.43 8.23 -13.23
C ARG A 80 20.68 8.21 -12.35
N HIS A 81 21.80 8.67 -12.87
CA HIS A 81 22.99 8.87 -12.05
C HIS A 81 23.08 10.32 -11.58
N VAL A 82 23.35 10.53 -10.30
CA VAL A 82 23.52 11.88 -9.76
C VAL A 82 24.70 11.90 -8.80
N LYS A 83 25.32 13.06 -8.68
CA LYS A 83 26.38 13.31 -7.72
C LYS A 83 25.78 14.12 -6.59
N ALA A 84 25.62 13.49 -5.44
CA ALA A 84 24.88 14.10 -4.35
C ALA A 84 25.81 14.76 -3.33
N LEU A 85 25.42 15.94 -2.87
CA LEU A 85 26.13 16.64 -1.81
C LEU A 85 25.15 17.32 -0.86
N VAL A 86 25.30 17.03 0.43
CA VAL A 86 24.50 17.65 1.49
C VAL A 86 25.37 18.63 2.26
N THR A 87 24.93 19.88 2.35
CA THR A 87 25.66 20.90 3.10
C THR A 87 24.71 21.65 4.02
N TRP A 88 25.31 22.26 5.04
CA TRP A 88 24.62 23.18 5.91
C TRP A 88 24.56 24.56 5.27
N GLU A 89 23.39 25.20 5.38
CA GLU A 89 23.24 26.62 5.06
C GLU A 89 22.47 27.17 6.26
N GLY A 90 23.24 27.64 7.25
CA GLY A 90 22.67 27.96 8.54
C GLY A 90 22.23 26.68 9.21
N ASP A 91 20.94 26.58 9.52
CA ASP A 91 20.39 25.34 10.04
C ASP A 91 19.51 24.64 9.01
N VAL A 92 19.50 25.12 7.78
CA VAL A 92 18.78 24.44 6.71
C VAL A 92 19.72 23.43 6.08
N LEU A 93 19.34 22.16 6.10
CA LEU A 93 20.08 21.11 5.44
C LEU A 93 19.72 21.14 3.95
N VAL A 94 20.73 21.30 3.10
CA VAL A 94 20.52 21.53 1.68
C VAL A 94 21.26 20.45 0.89
N CYS A 95 20.58 19.87 -0.07
CA CYS A 95 21.14 18.80 -0.88
C CYS A 95 21.01 19.09 -2.36
N VAL A 96 22.14 19.05 -3.09
CA VAL A 96 22.13 19.15 -4.54
C VAL A 96 22.50 17.80 -5.14
N GLN A 97 21.69 17.34 -6.10
CA GLN A 97 21.95 16.12 -6.85
C GLN A 97 22.26 16.53 -8.29
N LYS A 98 23.55 16.62 -8.62
CA LYS A 98 24.01 17.05 -9.95
C LYS A 98 23.78 15.96 -10.99
N GLY A 99 23.22 16.33 -12.13
CA GLY A 99 22.93 15.36 -13.17
C GLY A 99 22.16 16.01 -14.30
N GLU A 100 21.47 15.16 -15.08
CA GLU A 100 20.71 15.63 -16.24
C GLU A 100 19.65 16.63 -15.83
N LYS A 101 18.91 16.32 -14.77
CA LYS A 101 17.86 17.22 -14.31
C LYS A 101 18.48 18.44 -13.64
N GLU A 102 17.89 19.59 -13.89
CA GLU A 102 18.43 20.86 -13.40
C GLU A 102 17.64 21.30 -12.18
N ASN A 103 18.31 22.01 -11.28
CA ASN A 103 17.74 22.41 -10.00
C ASN A 103 17.22 21.20 -9.19
N ARG A 104 17.93 20.08 -9.23
CA ARG A 104 17.47 18.86 -8.59
C ARG A 104 18.11 18.73 -7.22
N GLY A 105 17.27 18.56 -6.20
CA GLY A 105 17.77 18.40 -4.84
C GLY A 105 16.64 18.56 -3.86
N TRP A 106 16.99 18.86 -2.60
CA TRP A 106 15.96 19.08 -1.59
C TRP A 106 16.50 19.99 -0.47
N LYS A 107 15.56 20.53 0.31
CA LYS A 107 15.89 21.33 1.48
C LYS A 107 15.02 20.86 2.64
N LYS A 108 15.65 20.65 3.79
CA LYS A 108 15.05 20.08 4.97
C LYS A 108 15.39 20.96 6.15
N TRP A 109 14.39 21.33 6.95
CA TRP A 109 14.72 22.09 8.15
C TRP A 109 13.62 21.93 9.20
N ILE A 110 14.00 22.14 10.46
CA ILE A 110 13.09 22.10 11.61
C ILE A 110 12.77 23.54 12.02
N GLU A 111 11.48 23.89 12.06
CA GLU A 111 11.05 25.14 12.69
C GLU A 111 9.84 24.86 13.56
N GLY A 112 9.96 25.22 14.84
CA GLY A 112 9.13 24.63 15.88
C GLY A 112 9.60 23.20 16.08
N ASP A 113 8.67 22.25 16.15
CA ASP A 113 9.00 20.83 16.07
C ASP A 113 8.17 20.14 15.00
N LYS A 114 8.05 20.81 13.86
CA LYS A 114 7.65 20.17 12.62
C LYS A 114 8.86 20.17 11.69
N LEU A 115 9.01 19.12 10.90
CA LEU A 115 10.08 19.06 9.89
C LEU A 115 9.54 19.47 8.53
N TYR A 116 10.24 20.39 7.89
CA TYR A 116 9.87 20.85 6.56
C TYR A 116 10.85 20.29 5.54
N LEU A 117 10.30 19.85 4.42
CA LEU A 117 11.10 19.22 3.38
C LEU A 117 10.57 19.79 2.08
N GLU A 118 11.44 20.50 1.34
CA GLU A 118 11.11 20.98 0.00
C GLU A 118 11.91 20.17 -1.00
N LEU A 119 11.22 19.45 -1.87
CA LEU A 119 11.85 18.66 -2.92
C LEU A 119 11.79 19.43 -4.24
N THR A 120 12.94 19.58 -4.91
CA THR A 120 12.97 20.34 -6.15
C THR A 120 13.58 19.54 -7.28
N CYS A 121 13.01 19.72 -8.47
CA CYS A 121 13.50 19.23 -9.75
C CYS A 121 13.00 20.21 -10.81
N GLY A 122 13.92 20.82 -11.54
CA GLY A 122 13.52 21.83 -12.49
C GLY A 122 12.92 23.01 -11.76
N ASP A 123 11.77 23.47 -12.22
CA ASP A 123 11.07 24.58 -11.59
C ASP A 123 9.98 24.11 -10.67
N GLN A 124 9.89 22.81 -10.45
CA GLN A 124 8.84 22.18 -9.69
C GLN A 124 9.29 21.99 -8.25
N VAL A 125 8.41 22.34 -7.32
CA VAL A 125 8.66 22.16 -5.89
CA VAL A 125 8.66 22.15 -5.90
C VAL A 125 7.57 21.26 -5.33
N CYS A 126 7.96 20.37 -4.42
CA CYS A 126 7.05 19.61 -3.58
C CYS A 126 7.34 20.00 -2.15
N ARG A 127 6.30 20.38 -1.40
CA ARG A 127 6.46 20.82 -0.02
C ARG A 127 5.83 19.76 0.87
N GLN A 128 6.57 19.32 1.88
CA GLN A 128 6.10 18.31 2.81
C GLN A 128 6.37 18.73 4.25
N VAL A 129 5.40 18.47 5.13
CA VAL A 129 5.52 18.79 6.54
C VAL A 129 5.34 17.51 7.34
N PHE A 130 6.16 17.34 8.36
CA PHE A 130 6.12 16.19 9.25
C PHE A 130 6.03 16.70 10.69
N LYS A 131 5.35 15.94 11.56
CA LYS A 131 5.42 16.19 12.98
C LYS A 131 6.23 15.09 13.66
N LYS A 132 6.97 15.49 14.69
CA LYS A 132 7.75 14.54 15.46
C LYS A 132 6.79 13.65 16.24
N LYS A 133 7.02 12.34 16.18
CA LYS A 133 6.14 11.40 16.86
C LYS A 133 6.74 10.96 18.20
N THR B 1 17.21 24.66 15.02
CA THR B 1 18.08 23.58 15.50
C THR B 1 18.75 22.80 14.38
N ARG B 2 19.86 22.14 14.69
CA ARG B 2 20.54 21.25 13.76
C ARG B 2 20.33 19.79 14.12
N ASP B 3 19.41 19.53 15.05
CA ASP B 3 19.12 18.18 15.53
C ASP B 3 17.84 17.72 14.83
N PHE B 4 18.01 16.87 13.82
CA PHE B 4 16.90 16.28 13.08
C PHE B 4 16.51 14.90 13.60
N ASN B 5 17.15 14.39 14.65
CA ASN B 5 16.84 13.07 15.18
C ASN B 5 15.36 12.96 15.52
N GLY B 6 14.74 11.86 15.10
CA GLY B 6 13.38 11.60 15.51
C GLY B 6 12.65 10.70 14.54
N THR B 7 11.40 10.43 14.90
CA THR B 7 10.47 9.68 14.08
C THR B 7 9.47 10.69 13.57
N TRP B 8 9.45 10.91 12.26
CA TRP B 8 8.74 12.04 11.67
C TRP B 8 7.59 11.51 10.82
N GLU B 9 6.36 11.89 11.19
CA GLU B 9 5.16 11.37 10.55
C GLU B 9 4.64 12.44 9.61
N MET B 10 4.50 12.08 8.33
CA MET B 10 4.07 13.05 7.36
C MET B 10 2.73 13.66 7.76
N GLU B 11 2.63 14.98 7.61
CA GLU B 11 1.45 15.75 7.91
C GLU B 11 0.80 16.33 6.67
N SER B 12 1.56 16.60 5.61
CA SER B 12 1.03 17.14 4.37
C SER B 12 2.07 16.95 3.28
N ASN B 13 1.57 16.92 2.04
CA ASN B 13 2.39 16.61 0.88
C ASN B 13 1.74 17.25 -0.34
N GLU B 14 2.26 18.39 -0.80
CA GLU B 14 1.66 19.11 -1.91
C GLU B 14 2.55 19.08 -3.15
N ASN B 15 1.91 18.93 -4.31
CA ASN B 15 2.62 18.83 -5.59
C ASN B 15 3.66 17.72 -5.56
N PHE B 16 3.32 16.58 -4.95
CA PHE B 16 4.14 15.38 -5.06
C PHE B 16 4.11 14.86 -6.48
N GLU B 17 2.94 14.87 -7.13
CA GLU B 17 2.86 14.35 -8.49
C GLU B 17 3.59 15.24 -9.49
N GLY B 18 3.49 16.56 -9.36
CA GLY B 18 4.25 17.44 -10.24
C GLY B 18 5.75 17.24 -10.11
N TYR B 19 6.25 17.12 -8.88
CA TYR B 19 7.66 16.83 -8.66
C TYR B 19 8.06 15.52 -9.33
N MET B 20 7.25 14.47 -9.15
CA MET B 20 7.54 13.18 -9.78
C MET B 20 7.47 13.27 -11.30
N LYS B 21 6.52 14.04 -11.82
CA LYS B 21 6.44 14.24 -13.27
C LYS B 21 7.70 14.92 -13.79
N ALA B 22 8.22 15.89 -13.04
CA ALA B 22 9.47 16.54 -13.44
C ALA B 22 10.64 15.57 -13.47
N LEU B 23 10.58 14.47 -12.71
CA LEU B 23 11.63 13.47 -12.72
C LEU B 23 11.43 12.38 -13.76
N ASP B 24 10.34 12.44 -14.53
CA ASP B 24 9.99 11.48 -15.56
C ASP B 24 9.61 10.11 -15.01
N ILE B 25 8.99 10.07 -13.82
CA ILE B 25 8.47 8.84 -13.25
C ILE B 25 7.18 8.47 -13.97
N ASP B 26 7.02 7.19 -14.33
CA ASP B 26 5.89 6.82 -15.19
C ASP B 26 4.56 7.03 -14.48
N PHE B 27 3.53 7.24 -15.30
CA PHE B 27 2.19 7.54 -14.81
C PHE B 27 1.74 6.55 -13.74
N ALA B 28 1.90 5.24 -14.01
CA ALA B 28 1.44 4.22 -13.07
C ALA B 28 2.05 4.42 -11.69
N THR B 29 3.38 4.49 -11.64
CA THR B 29 4.06 4.66 -10.37
C THR B 29 3.57 5.91 -9.63
N ARG B 30 3.41 7.04 -10.33
CA ARG B 30 3.00 8.27 -9.67
C ARG B 30 1.62 8.11 -9.05
N LYS B 31 0.71 7.46 -9.76
CA LYS B 31 -0.65 7.31 -9.24
C LYS B 31 -0.66 6.48 -7.97
N ILE B 32 0.34 5.62 -7.78
CA ILE B 32 0.50 4.89 -6.53
C ILE B 32 1.12 5.79 -5.49
N ALA B 33 2.21 6.46 -5.88
CA ALA B 33 2.98 7.24 -4.93
C ALA B 33 2.16 8.35 -4.32
N VAL B 34 1.17 8.88 -5.05
CA VAL B 34 0.30 9.90 -4.47
C VAL B 34 -0.68 9.35 -3.45
N ARG B 35 -0.88 8.03 -3.37
CA ARG B 35 -1.76 7.50 -2.33
C ARG B 35 -1.03 7.01 -1.10
N LEU B 36 0.24 7.38 -0.94
CA LEU B 36 1.04 6.96 0.20
C LEU B 36 1.25 8.11 1.18
N THR B 37 1.48 7.76 2.45
CA THR B 37 2.08 8.64 3.45
C THR B 37 3.39 8.04 3.96
N PHE B 38 4.17 8.89 4.59
CA PHE B 38 5.54 8.56 4.90
C PHE B 38 5.82 8.89 6.35
N THR B 39 6.53 7.99 7.00
CA THR B 39 7.17 8.26 8.27
C THR B 39 8.65 8.13 8.02
N ASP B 40 9.41 9.14 8.41
CA ASP B 40 10.85 9.23 8.16
CA ASP B 40 10.85 9.20 8.16
C ASP B 40 11.56 9.18 9.50
N VAL B 41 12.38 8.15 9.72
CA VAL B 41 13.17 8.04 10.93
C VAL B 41 14.57 8.53 10.63
N ILE B 42 15.01 9.55 11.37
CA ILE B 42 16.31 10.18 11.20
C ILE B 42 17.19 9.89 12.42
N ASP B 43 18.34 9.30 12.17
CA ASP B 43 19.37 9.09 13.17
C ASP B 43 20.57 9.93 12.79
N GLN B 44 20.83 10.97 13.59
CA GLN B 44 21.85 11.95 13.29
C GLN B 44 22.86 11.99 14.42
N ASP B 45 24.11 11.70 14.10
CA ASP B 45 25.22 11.88 15.03
C ASP B 45 26.14 12.91 14.39
N GLY B 46 26.20 14.10 14.98
CA GLY B 46 27.03 15.15 14.42
C GLY B 46 26.61 15.54 13.01
N ASP B 47 27.43 15.19 12.00
CA ASP B 47 27.11 15.40 10.60
C ASP B 47 26.84 14.10 9.88
N ASN B 48 26.79 12.99 10.61
CA ASN B 48 26.44 11.71 10.03
C ASN B 48 24.94 11.47 10.17
N PHE B 49 24.31 11.21 9.05
CA PHE B 49 22.88 10.96 8.98
C PHE B 49 22.69 9.56 8.43
N LYS B 50 21.80 8.80 9.08
CA LYS B 50 21.16 7.62 8.50
C LYS B 50 19.66 7.84 8.58
N THR B 51 18.97 7.72 7.45
CA THR B 51 17.54 7.97 7.38
C THR B 51 16.83 6.80 6.70
N LYS B 52 15.61 6.55 7.15
CA LYS B 52 14.78 5.48 6.64
C LYS B 52 13.39 6.04 6.45
N ALA B 53 12.89 6.05 5.22
CA ALA B 53 11.52 6.49 4.91
C ALA B 53 10.61 5.27 4.77
N THR B 54 9.49 5.29 5.49
CA THR B 54 8.52 4.21 5.53
C THR B 54 7.24 4.62 4.80
N SER B 55 6.64 3.68 4.06
CA SER B 55 5.45 3.98 3.26
C SER B 55 4.24 3.25 3.81
N THR B 56 3.07 3.87 3.64
CA THR B 56 1.78 3.40 4.12
C THR B 56 0.72 4.02 3.21
N PHE B 57 -0.43 3.38 3.08
CA PHE B 57 -1.47 3.98 2.27
C PHE B 57 -2.08 5.12 3.06
N LEU B 58 -2.53 6.16 2.36
CA LEU B 58 -2.85 7.41 3.04
C LEU B 58 -3.84 7.26 4.19
N ASN B 59 -5.07 6.90 3.87
CA ASN B 59 -6.26 6.91 4.72
C ASN B 59 -7.24 7.84 4.05
N TYR B 60 -8.50 7.73 4.44
CA TYR B 60 -9.51 8.66 3.93
C TYR B 60 -10.41 8.99 5.12
N ASP B 61 -10.28 10.20 5.65
CA ASP B 61 -11.11 10.63 6.77
C ASP B 61 -12.28 11.47 6.29
N VAL B 62 -13.36 11.42 7.07
CA VAL B 62 -14.50 12.28 6.79
C VAL B 62 -15.37 12.40 8.06
N ASP B 63 -15.64 13.63 8.46
CA ASP B 63 -16.51 13.95 9.60
C ASP B 63 -17.78 14.63 9.08
N PHE B 64 -18.90 14.34 9.73
CA PHE B 64 -20.15 14.98 9.38
C PHE B 64 -21.08 14.90 10.58
N THR B 65 -22.14 15.71 10.53
CA THR B 65 -23.25 15.61 11.47
C THR B 65 -24.50 15.28 10.65
N VAL B 66 -25.29 14.29 11.13
CA VAL B 66 -26.49 13.90 10.40
C VAL B 66 -27.38 15.12 10.26
N GLY B 67 -27.77 15.42 9.03
CA GLY B 67 -28.63 16.56 8.77
C GLY B 67 -27.91 17.88 8.65
N VAL B 68 -26.57 17.89 8.68
CA VAL B 68 -25.78 19.11 8.43
C VAL B 68 -24.99 18.88 7.16
N GLU B 69 -25.42 19.50 6.06
CA GLU B 69 -24.66 19.45 4.83
C GLU B 69 -23.26 20.01 5.07
N PHE B 70 -22.32 19.60 4.23
CA PHE B 70 -20.93 19.99 4.36
C PHE B 70 -20.26 19.83 3.00
N ASP B 71 -19.38 20.77 2.68
CA ASP B 71 -18.64 20.66 1.45
C ASP B 71 -17.57 19.60 1.61
N GLU B 72 -17.34 18.81 0.56
CA GLU B 72 -16.46 17.65 0.65
C GLU B 72 -15.58 17.59 -0.57
N TYR B 73 -14.28 17.53 -0.35
CA TYR B 73 -13.31 17.23 -1.39
C TYR B 73 -12.88 15.79 -1.25
N THR B 74 -13.14 15.00 -2.30
CA THR B 74 -12.96 13.56 -2.22
C THR B 74 -11.54 13.18 -2.64
N LYS B 75 -10.59 13.51 -1.76
CA LYS B 75 -9.18 13.23 -2.02
C LYS B 75 -8.96 11.73 -2.17
N SER B 76 -7.94 11.36 -2.95
CA SER B 76 -7.59 9.95 -3.21
C SER B 76 -8.76 9.19 -3.79
N LEU B 77 -9.64 9.90 -4.48
CA LEU B 77 -10.72 9.25 -5.21
C LEU B 77 -10.64 9.81 -6.62
N ASP B 78 -11.57 10.70 -6.97
CA ASP B 78 -11.56 11.38 -8.26
C ASP B 78 -11.34 12.87 -8.05
N ASN B 79 -11.02 13.26 -6.82
CA ASN B 79 -10.67 14.62 -6.41
C ASN B 79 -11.67 15.67 -6.90
N ARG B 80 -12.94 15.48 -6.51
CA ARG B 80 -14.00 16.42 -6.81
C ARG B 80 -14.55 17.08 -5.55
N HIS B 81 -15.23 18.21 -5.76
CA HIS B 81 -15.99 18.86 -4.71
C HIS B 81 -17.45 18.42 -4.80
N VAL B 82 -18.03 18.10 -3.64
CA VAL B 82 -19.45 17.78 -3.57
C VAL B 82 -20.05 18.42 -2.33
N LYS B 83 -21.34 18.69 -2.41
CA LYS B 83 -22.11 19.09 -1.24
C LYS B 83 -22.82 17.83 -0.80
N ALA B 84 -22.36 17.26 0.31
CA ALA B 84 -22.79 15.96 0.77
C ALA B 84 -23.80 16.12 1.88
N LEU B 85 -24.78 15.23 1.91
CA LEU B 85 -25.73 15.23 3.01
C LEU B 85 -25.98 13.79 3.44
N VAL B 86 -25.76 13.54 4.73
CA VAL B 86 -26.00 12.24 5.33
C VAL B 86 -27.27 12.35 6.15
N THR B 87 -28.28 11.57 5.76
CA THR B 87 -29.59 11.62 6.38
C THR B 87 -30.09 10.21 6.69
N TRP B 88 -30.99 10.14 7.67
CA TRP B 88 -31.63 8.90 8.05
C TRP B 88 -32.81 8.57 7.15
N GLU B 89 -32.93 7.29 6.79
CA GLU B 89 -34.11 6.70 6.15
C GLU B 89 -34.37 5.45 6.97
N GLY B 90 -35.22 5.58 7.98
CA GLY B 90 -35.36 4.52 8.96
C GLY B 90 -34.07 4.38 9.75
N ASP B 91 -33.47 3.20 9.69
CA ASP B 91 -32.16 2.94 10.29
C ASP B 91 -31.05 2.83 9.24
N VAL B 92 -31.35 3.16 8.00
CA VAL B 92 -30.35 3.21 6.94
C VAL B 92 -29.76 4.62 6.87
N LEU B 93 -28.45 4.70 6.98
CA LEU B 93 -27.76 5.97 6.83
C LEU B 93 -27.63 6.26 5.34
N VAL B 94 -28.12 7.43 4.91
CA VAL B 94 -28.21 7.76 3.50
C VAL B 94 -27.37 8.99 3.23
N CYS B 95 -26.55 8.92 2.19
CA CYS B 95 -25.68 10.02 1.80
C CYS B 95 -25.97 10.37 0.35
N VAL B 96 -26.23 11.65 0.11
CA VAL B 96 -26.33 12.20 -1.22
C VAL B 96 -25.13 13.11 -1.45
N GLN B 97 -24.39 12.87 -2.51
CA GLN B 97 -23.25 13.73 -2.85
C GLN B 97 -23.59 14.52 -4.11
N LYS B 98 -24.05 15.76 -3.90
CA LYS B 98 -24.44 16.61 -5.01
C LYS B 98 -23.20 17.15 -5.71
N GLY B 99 -23.18 17.06 -7.03
CA GLY B 99 -22.04 17.52 -7.80
C GLY B 99 -22.20 17.17 -9.26
N GLU B 100 -21.08 17.18 -9.99
CA GLU B 100 -21.16 16.91 -11.41
C GLU B 100 -21.73 15.52 -11.64
N LYS B 101 -21.15 14.52 -11.00
CA LYS B 101 -21.71 13.19 -11.05
C LYS B 101 -22.91 13.17 -10.12
N GLU B 102 -24.00 12.55 -10.58
CA GLU B 102 -25.22 12.58 -9.78
C GLU B 102 -25.80 11.18 -9.75
N ASN B 103 -26.73 10.97 -8.81
CA ASN B 103 -27.08 9.65 -8.31
C ASN B 103 -25.87 9.04 -7.62
N ARG B 104 -25.09 9.92 -7.03
CA ARG B 104 -23.83 9.59 -6.37
C ARG B 104 -24.05 9.65 -4.86
N GLY B 105 -23.67 8.59 -4.18
CA GLY B 105 -23.83 8.59 -2.74
C GLY B 105 -23.67 7.18 -2.21
N TRP B 106 -24.19 6.96 -1.02
CA TRP B 106 -24.14 5.62 -0.48
C TRP B 106 -25.24 5.42 0.55
N LYS B 107 -25.46 4.14 0.88
CA LYS B 107 -26.40 3.72 1.90
C LYS B 107 -25.68 2.73 2.80
N LYS B 108 -25.80 2.93 4.11
CA LYS B 108 -25.12 2.14 5.13
C LYS B 108 -26.15 1.63 6.10
N TRP B 109 -26.03 0.36 6.49
CA TRP B 109 -26.91 -0.17 7.52
C TRP B 109 -26.24 -1.37 8.17
N ILE B 110 -26.65 -1.63 9.42
CA ILE B 110 -26.13 -2.72 10.26
C ILE B 110 -27.14 -3.87 10.32
N GLU B 111 -26.69 -5.09 10.09
CA GLU B 111 -27.50 -6.28 10.41
C GLU B 111 -26.62 -7.31 11.09
N GLY B 112 -26.99 -7.70 12.31
CA GLY B 112 -26.11 -8.57 13.08
C GLY B 112 -24.83 -7.89 13.48
N ASP B 113 -23.71 -8.54 13.18
CA ASP B 113 -22.39 -7.96 13.39
C ASP B 113 -21.78 -7.59 12.06
N LYS B 114 -22.63 -7.32 11.06
CA LYS B 114 -22.21 -6.88 9.75
C LYS B 114 -22.70 -5.46 9.46
N LEU B 115 -21.81 -4.66 8.88
CA LEU B 115 -22.15 -3.37 8.30
C LEU B 115 -22.25 -3.52 6.80
N TYR B 116 -23.35 -3.09 6.21
CA TYR B 116 -23.54 -3.16 4.77
C TYR B 116 -23.41 -1.76 4.14
N LEU B 117 -22.77 -1.70 2.98
CA LEU B 117 -22.47 -0.45 2.30
C LEU B 117 -22.72 -0.60 0.82
N GLU B 118 -23.61 0.21 0.29
CA GLU B 118 -23.85 0.31 -1.14
C GLU B 118 -23.29 1.63 -1.65
N LEU B 119 -22.31 1.58 -2.53
CA LEU B 119 -21.81 2.77 -3.22
C LEU B 119 -22.45 2.84 -4.60
N THR B 120 -23.07 3.97 -4.89
CA THR B 120 -23.74 4.16 -6.17
C THR B 120 -23.20 5.41 -6.84
N CYS B 121 -22.99 5.33 -8.15
CA CYS B 121 -22.66 6.49 -8.98
C CYS B 121 -23.13 6.18 -10.39
N GLY B 122 -24.01 7.04 -10.94
CA GLY B 122 -24.58 6.76 -12.24
C GLY B 122 -25.45 5.52 -12.16
N ASP B 123 -25.19 4.55 -13.06
CA ASP B 123 -25.89 3.27 -13.08
C ASP B 123 -25.10 2.15 -12.40
N GLN B 124 -24.00 2.48 -11.74
CA GLN B 124 -23.16 1.45 -11.15
C GLN B 124 -23.39 1.38 -9.65
N VAL B 125 -23.42 0.16 -9.12
CA VAL B 125 -23.60 -0.09 -7.70
C VAL B 125 -22.53 -1.05 -7.22
N CYS B 126 -21.92 -0.73 -6.09
CA CYS B 126 -20.85 -1.52 -5.51
C CYS B 126 -21.29 -1.94 -4.11
N ARG B 127 -21.17 -3.22 -3.81
CA ARG B 127 -21.64 -3.76 -2.55
C ARG B 127 -20.47 -4.23 -1.71
N GLN B 128 -20.38 -3.72 -0.48
CA GLN B 128 -19.30 -4.05 0.44
C GLN B 128 -19.90 -4.44 1.77
N VAL B 129 -19.32 -5.46 2.40
CA VAL B 129 -19.77 -5.93 3.71
C VAL B 129 -18.58 -5.93 4.66
N PHE B 130 -18.79 -5.50 5.90
CA PHE B 130 -17.75 -5.41 6.92
C PHE B 130 -18.15 -6.20 8.16
N LYS B 131 -17.18 -6.84 8.81
CA LYS B 131 -17.46 -7.51 10.08
C LYS B 131 -16.85 -6.72 11.22
N LYS B 132 -17.58 -6.63 12.34
CA LYS B 132 -17.12 -5.82 13.45
C LYS B 132 -15.90 -6.44 14.12
N LYS B 133 -14.83 -5.67 14.24
CA LYS B 133 -13.56 -6.12 14.79
C LYS B 133 -13.34 -5.65 16.23
N THR C 1 -30.63 -1.22 13.93
CA THR C 1 -30.08 -0.27 14.89
C THR C 1 -29.45 0.95 14.19
N ARG C 2 -29.32 2.04 14.94
CA ARG C 2 -28.65 3.23 14.43
C ARG C 2 -27.28 3.45 15.06
N ASP C 3 -26.68 2.42 15.67
CA ASP C 3 -25.37 2.53 16.31
C ASP C 3 -24.27 2.00 15.39
N PHE C 4 -23.56 2.92 14.74
CA PHE C 4 -22.48 2.57 13.81
C PHE C 4 -21.11 2.56 14.45
N ASN C 5 -21.01 2.78 15.76
CA ASN C 5 -19.71 2.74 16.44
C ASN C 5 -19.06 1.38 16.25
N GLY C 6 -17.78 1.38 15.91
CA GLY C 6 -17.00 0.15 15.87
C GLY C 6 -15.83 0.26 14.91
N THR C 7 -15.07 -0.82 14.85
CA THR C 7 -13.99 -0.97 13.87
C THR C 7 -14.42 -2.05 12.89
N TRP C 8 -14.55 -1.69 11.61
CA TRP C 8 -15.24 -2.56 10.66
C TRP C 8 -14.26 -2.99 9.58
N GLU C 9 -14.06 -4.30 9.47
CA GLU C 9 -13.05 -4.86 8.56
C GLU C 9 -13.74 -5.51 7.37
N MET C 10 -13.40 -5.05 6.16
CA MET C 10 -14.07 -5.51 4.95
C MET C 10 -13.98 -7.03 4.82
N GLU C 11 -15.11 -7.65 4.44
CA GLU C 11 -15.19 -9.09 4.18
C GLU C 11 -15.55 -9.44 2.73
N SER C 12 -16.10 -8.49 1.97
CA SER C 12 -16.39 -8.72 0.55
C SER C 12 -16.55 -7.37 -0.11
N ASN C 13 -16.32 -7.34 -1.42
CA ASN C 13 -16.31 -6.08 -2.16
C ASN C 13 -16.69 -6.40 -3.60
N GLU C 14 -17.91 -6.05 -3.98
CA GLU C 14 -18.48 -6.44 -5.26
C GLU C 14 -18.58 -5.24 -6.19
N ASN C 15 -18.20 -5.46 -7.45
CA ASN C 15 -18.25 -4.42 -8.50
C ASN C 15 -17.62 -3.10 -8.05
N PHE C 16 -16.48 -3.20 -7.38
CA PHE C 16 -15.73 -1.99 -7.06
C PHE C 16 -15.20 -1.30 -8.32
N GLU C 17 -14.82 -2.06 -9.34
CA GLU C 17 -14.23 -1.51 -10.58
C GLU C 17 -15.25 -0.68 -11.35
N GLY C 18 -16.48 -1.21 -11.51
CA GLY C 18 -17.50 -0.45 -12.20
C GLY C 18 -17.81 0.86 -11.55
N TYR C 19 -17.92 0.85 -10.22
CA TYR C 19 -18.15 2.11 -9.49
C TYR C 19 -17.05 3.11 -9.78
N MET C 20 -15.80 2.64 -9.72
CA MET C 20 -14.67 3.53 -9.99
C MET C 20 -14.72 4.06 -11.42
N LYS C 21 -15.11 3.21 -12.37
CA LYS C 21 -15.22 3.68 -13.73
C LYS C 21 -16.19 4.86 -13.83
N ALA C 22 -17.31 4.78 -13.09
CA ALA C 22 -18.27 5.87 -13.11
C ALA C 22 -17.67 7.18 -12.59
N LEU C 23 -16.62 7.13 -11.78
CA LEU C 23 -16.01 8.34 -11.25
C LEU C 23 -14.85 8.86 -12.09
N ASP C 24 -14.51 8.18 -13.21
CA ASP C 24 -13.45 8.62 -14.11
C ASP C 24 -12.08 8.40 -13.50
N ILE C 25 -11.94 7.29 -12.78
CA ILE C 25 -10.66 6.89 -12.21
C ILE C 25 -9.81 6.20 -13.28
N ASP C 26 -8.53 6.56 -13.35
CA ASP C 26 -7.62 6.02 -14.36
C ASP C 26 -7.35 4.53 -14.13
N PHE C 27 -6.96 3.85 -15.21
CA PHE C 27 -6.70 2.40 -15.19
C PHE C 27 -5.75 1.98 -14.05
N ALA C 28 -4.59 2.64 -13.95
CA ALA C 28 -3.62 2.25 -12.94
C ALA C 28 -4.22 2.30 -11.53
N THR C 29 -4.80 3.44 -11.14
CA THR C 29 -5.43 3.55 -9.83
C THR C 29 -6.49 2.47 -9.63
N ARG C 30 -7.29 2.20 -10.66
CA ARG C 30 -8.30 1.15 -10.54
C ARG C 30 -7.66 -0.23 -10.37
N LYS C 31 -6.58 -0.51 -11.10
CA LYS C 31 -5.96 -1.82 -11.01
C LYS C 31 -5.29 -2.06 -9.66
N ILE C 32 -4.87 -1.01 -8.98
CA ILE C 32 -4.33 -1.16 -7.63
C ILE C 32 -5.46 -1.22 -6.61
N ALA C 33 -6.41 -0.28 -6.72
CA ALA C 33 -7.48 -0.15 -5.74
C ALA C 33 -8.27 -1.44 -5.60
N VAL C 34 -8.34 -2.23 -6.68
CA VAL C 34 -9.05 -3.51 -6.63
C VAL C 34 -8.31 -4.57 -5.82
N ARG C 35 -7.05 -4.35 -5.47
CA ARG C 35 -6.26 -5.30 -4.68
C ARG C 35 -6.20 -4.95 -3.20
N LEU C 36 -7.07 -4.07 -2.72
CA LEU C 36 -7.03 -3.60 -1.33
C LEU C 36 -8.19 -4.17 -0.55
N THR C 37 -8.00 -4.33 0.76
CA THR C 37 -9.14 -4.39 1.66
C THR C 37 -9.13 -3.17 2.56
N PHE C 38 -10.28 -2.96 3.20
CA PHE C 38 -10.52 -1.76 3.96
C PHE C 38 -10.99 -2.10 5.37
N THR C 39 -10.43 -1.41 6.34
CA THR C 39 -10.97 -1.38 7.68
C THR C 39 -11.39 0.05 7.93
N ASP C 40 -12.59 0.22 8.49
CA ASP C 40 -13.20 1.53 8.61
C ASP C 40 -13.57 1.76 10.06
N VAL C 41 -13.03 2.80 10.66
CA VAL C 41 -13.30 3.10 12.06
C VAL C 41 -14.36 4.17 12.11
N ILE C 42 -15.49 3.87 12.74
CA ILE C 42 -16.59 4.80 12.88
C ILE C 42 -16.69 5.15 14.35
N ASP C 43 -16.55 6.44 14.65
CA ASP C 43 -16.74 6.93 16.00
C ASP C 43 -17.96 7.83 15.89
N GLN C 44 -19.06 7.43 16.52
CA GLN C 44 -20.34 8.10 16.34
C GLN C 44 -20.88 8.59 17.67
N ASP C 45 -21.17 9.89 17.72
CA ASP C 45 -21.85 10.54 18.84
C ASP C 45 -23.20 11.04 18.37
N GLY C 46 -24.26 10.35 18.79
CA GLY C 46 -25.58 10.79 18.41
C GLY C 46 -25.71 10.86 16.90
N ASP C 47 -25.68 12.09 16.41
CA ASP C 47 -25.69 12.39 15.00
C ASP C 47 -24.34 12.93 14.52
N ASN C 48 -23.34 12.96 15.40
CA ASN C 48 -21.98 13.33 15.00
C ASN C 48 -21.17 12.07 14.70
N PHE C 49 -20.65 11.97 13.48
CA PHE C 49 -19.86 10.83 13.04
C PHE C 49 -18.46 11.32 12.71
N LYS C 50 -17.44 10.63 13.21
CA LYS C 50 -16.10 10.77 12.68
C LYS C 50 -15.66 9.41 12.17
N THR C 51 -15.28 9.35 10.90
CA THR C 51 -14.94 8.11 10.24
C THR C 51 -13.58 8.22 9.54
N LYS C 52 -12.87 7.10 9.56
CA LYS C 52 -11.53 6.97 9.04
C LYS C 52 -11.49 5.66 8.26
N ALA C 53 -11.22 5.73 6.97
CA ALA C 53 -11.07 4.52 6.16
C ALA C 53 -9.59 4.19 6.06
N THR C 54 -9.25 2.95 6.38
CA THR C 54 -7.89 2.45 6.33
C THR C 54 -7.76 1.42 5.20
N SER C 55 -6.68 1.51 4.45
CA SER C 55 -6.50 0.71 3.25
C SER C 55 -5.28 -0.21 3.41
N THR C 56 -5.37 -1.41 2.84
CA THR C 56 -4.25 -2.34 2.98
C THR C 56 -4.19 -3.25 1.76
N PHE C 57 -2.98 -3.74 1.47
CA PHE C 57 -2.72 -4.50 0.25
C PHE C 57 -3.14 -5.98 0.26
N LEU C 58 -4.13 -6.37 1.05
CA LEU C 58 -4.77 -7.69 0.94
C LEU C 58 -3.86 -8.92 0.98
N ASN C 59 -3.94 -9.66 2.07
CA ASN C 59 -3.07 -10.78 2.37
C ASN C 59 -3.30 -11.97 1.44
N TYR C 60 -2.33 -12.86 1.39
CA TYR C 60 -2.49 -14.13 0.66
C TYR C 60 -2.52 -15.23 1.70
N ASP C 61 -3.71 -15.73 1.98
CA ASP C 61 -3.89 -16.82 2.93
C ASP C 61 -4.07 -18.12 2.17
N VAL C 62 -3.60 -19.21 2.77
CA VAL C 62 -3.85 -20.54 2.21
C VAL C 62 -3.63 -21.57 3.30
N ASP C 63 -4.63 -22.43 3.50
CA ASP C 63 -4.58 -23.51 4.48
C ASP C 63 -4.63 -24.83 3.76
N PHE C 64 -3.84 -25.80 4.23
CA PHE C 64 -3.85 -27.10 3.58
C PHE C 64 -3.32 -28.15 4.54
N THR C 65 -3.59 -29.41 4.19
CA THR C 65 -3.00 -30.59 4.80
C THR C 65 -2.21 -31.29 3.72
N VAL C 66 -0.98 -31.71 4.03
CA VAL C 66 -0.17 -32.34 2.98
C VAL C 66 -0.89 -33.55 2.41
N GLY C 67 -0.94 -33.63 1.08
CA GLY C 67 -1.55 -34.77 0.45
C GLY C 67 -3.05 -34.71 0.34
N VAL C 68 -3.68 -33.61 0.71
CA VAL C 68 -5.11 -33.43 0.57
C VAL C 68 -5.33 -32.39 -0.52
N GLU C 69 -5.78 -32.84 -1.68
CA GLU C 69 -6.11 -31.92 -2.75
C GLU C 69 -7.10 -30.88 -2.25
N PHE C 70 -7.05 -29.67 -2.84
CA PHE C 70 -7.95 -28.61 -2.43
C PHE C 70 -8.06 -27.60 -3.54
N ASP C 71 -9.27 -27.04 -3.70
CA ASP C 71 -9.51 -25.99 -4.68
C ASP C 71 -8.95 -24.69 -4.16
N GLU C 72 -8.37 -23.92 -5.05
CA GLU C 72 -7.73 -22.68 -4.67
C GLU C 72 -8.10 -21.64 -5.72
N TYR C 73 -8.69 -20.54 -5.27
CA TYR C 73 -8.90 -19.37 -6.11
C TYR C 73 -7.88 -18.30 -5.71
N THR C 74 -7.03 -17.90 -6.64
CA THR C 74 -5.89 -17.05 -6.33
C THR C 74 -6.27 -15.57 -6.43
N LYS C 75 -7.18 -15.15 -5.56
CA LYS C 75 -7.54 -13.73 -5.48
C LYS C 75 -6.29 -12.97 -5.08
N SER C 76 -6.17 -11.73 -5.53
CA SER C 76 -5.00 -10.90 -5.26
C SER C 76 -3.71 -11.48 -5.86
N LEU C 77 -3.85 -12.34 -6.85
CA LEU C 77 -2.73 -12.78 -7.67
C LEU C 77 -3.22 -12.57 -9.08
N ASP C 78 -3.60 -13.67 -9.73
CA ASP C 78 -4.10 -13.65 -11.08
C ASP C 78 -5.58 -14.03 -11.17
N ASN C 79 -6.26 -14.14 -10.02
CA ASN C 79 -7.68 -14.51 -9.97
C ASN C 79 -7.98 -15.74 -10.80
N ARG C 80 -7.24 -16.83 -10.55
CA ARG C 80 -7.53 -18.08 -11.24
C ARG C 80 -7.91 -19.19 -10.27
N HIS C 81 -8.59 -20.20 -10.82
CA HIS C 81 -8.90 -21.44 -10.11
C HIS C 81 -7.85 -22.51 -10.44
N VAL C 82 -7.34 -23.18 -9.41
CA VAL C 82 -6.38 -24.26 -9.55
C VAL C 82 -6.72 -25.37 -8.56
N LYS C 83 -6.34 -26.59 -8.93
CA LYS C 83 -6.47 -27.72 -8.03
C LYS C 83 -5.07 -28.02 -7.50
N ALA C 84 -4.86 -27.72 -6.23
CA ALA C 84 -3.55 -27.77 -5.61
C ALA C 84 -3.39 -29.04 -4.80
N LEU C 85 -2.17 -29.56 -4.80
CA LEU C 85 -1.78 -30.71 -4.01
C LEU C 85 -0.37 -30.45 -3.49
N VAL C 86 -0.18 -30.60 -2.18
CA VAL C 86 1.12 -30.40 -1.54
C VAL C 86 1.67 -31.75 -1.12
N THR C 87 2.90 -32.03 -1.51
CA THR C 87 3.53 -33.28 -1.14
C THR C 87 4.89 -33.01 -0.52
N TRP C 88 5.33 -33.96 0.29
CA TRP C 88 6.68 -33.98 0.81
C TRP C 88 7.56 -34.65 -0.21
N GLU C 89 8.74 -34.08 -0.44
CA GLU C 89 9.78 -34.71 -1.24
C GLU C 89 11.04 -34.54 -0.41
N GLY C 90 11.32 -35.56 0.39
CA GLY C 90 12.31 -35.40 1.42
C GLY C 90 11.73 -34.41 2.39
N ASP C 91 12.44 -33.32 2.61
CA ASP C 91 11.98 -32.24 3.47
C ASP C 91 11.58 -31.02 2.67
N VAL C 92 11.44 -31.16 1.36
CA VAL C 92 10.94 -30.08 0.53
C VAL C 92 9.42 -30.19 0.45
N LEU C 93 8.74 -29.10 0.77
CA LEU C 93 7.31 -28.98 0.58
C LEU C 93 7.05 -28.56 -0.86
N VAL C 94 6.34 -29.38 -1.62
CA VAL C 94 6.14 -29.17 -3.06
C VAL C 94 4.66 -29.11 -3.35
N CYS C 95 4.24 -28.09 -4.08
CA CYS C 95 2.84 -27.88 -4.41
C CYS C 95 2.69 -27.78 -5.92
N VAL C 96 1.84 -28.61 -6.49
CA VAL C 96 1.48 -28.47 -7.90
C VAL C 96 0.06 -27.90 -7.97
N GLN C 97 -0.10 -26.83 -8.73
CA GLN C 97 -1.39 -26.19 -8.89
C GLN C 97 -1.89 -26.45 -10.31
N LYS C 98 -2.73 -27.48 -10.47
CA LYS C 98 -3.21 -27.87 -11.78
C LYS C 98 -4.24 -26.87 -12.26
N GLY C 99 -4.09 -26.43 -13.51
CA GLY C 99 -5.01 -25.44 -14.04
C GLY C 99 -4.58 -24.97 -15.41
N GLU C 100 -5.05 -23.78 -15.78
CA GLU C 100 -4.79 -23.21 -17.10
C GLU C 100 -3.30 -23.06 -17.39
N LYS C 101 -2.53 -22.59 -16.40
CA LYS C 101 -1.09 -22.41 -16.52
C LYS C 101 -0.30 -23.69 -16.31
N GLU C 102 0.75 -23.85 -17.10
CA GLU C 102 1.66 -24.99 -17.09
C GLU C 102 2.70 -24.78 -16.01
N ASN C 103 3.24 -25.88 -15.47
CA ASN C 103 4.38 -25.80 -14.54
C ASN C 103 4.10 -24.90 -13.35
N ARG C 104 2.87 -24.88 -12.87
CA ARG C 104 2.49 -23.90 -11.85
C ARG C 104 2.52 -24.54 -10.46
N GLY C 105 3.18 -23.86 -9.53
CA GLY C 105 3.23 -24.32 -8.16
C GLY C 105 4.31 -23.60 -7.37
N TRP C 106 4.70 -24.20 -6.25
CA TRP C 106 5.74 -23.60 -5.42
C TRP C 106 6.45 -24.66 -4.62
N LYS C 107 7.61 -24.26 -4.10
CA LYS C 107 8.45 -25.10 -3.27
C LYS C 107 8.96 -24.30 -2.08
N LYS C 108 8.91 -24.93 -0.91
CA LYS C 108 9.29 -24.36 0.37
C LYS C 108 10.26 -25.34 1.02
N TRP C 109 11.37 -24.86 1.54
CA TRP C 109 12.23 -25.74 2.33
C TRP C 109 13.09 -24.91 3.25
N ILE C 110 13.54 -25.55 4.33
CA ILE C 110 14.42 -24.91 5.31
C ILE C 110 15.85 -25.38 5.09
N GLU C 111 16.77 -24.44 4.99
CA GLU C 111 18.19 -24.75 4.99
C GLU C 111 18.91 -23.73 5.88
N GLY C 112 19.63 -24.23 6.87
CA GLY C 112 20.09 -23.37 7.95
C GLY C 112 18.91 -22.91 8.79
N ASP C 113 18.87 -21.62 9.08
CA ASP C 113 17.72 -21.01 9.73
C ASP C 113 17.04 -20.02 8.82
N LYS C 114 17.13 -20.29 7.52
CA LYS C 114 16.41 -19.55 6.49
C LYS C 114 15.35 -20.42 5.82
N LEU C 115 14.24 -19.78 5.47
CA LEU C 115 13.17 -20.38 4.69
C LEU C 115 13.36 -20.03 3.22
N TYR C 116 13.35 -21.04 2.36
CA TYR C 116 13.48 -20.85 0.92
C TYR C 116 12.14 -21.11 0.24
N LEU C 117 11.81 -20.25 -0.73
CA LEU C 117 10.54 -20.32 -1.42
C LEU C 117 10.80 -20.16 -2.91
N GLU C 118 10.41 -21.17 -3.69
CA GLU C 118 10.43 -21.11 -5.15
C GLU C 118 9.01 -21.00 -5.68
N LEU C 119 8.74 -19.93 -6.41
CA LEU C 119 7.47 -19.75 -7.11
C LEU C 119 7.67 -20.01 -8.61
N THR C 120 6.88 -20.91 -9.17
CA THR C 120 7.04 -21.29 -10.56
C THR C 120 5.75 -21.12 -11.35
N CYS C 121 5.90 -20.66 -12.59
CA CYS C 121 4.79 -20.62 -13.54
C CYS C 121 5.36 -20.56 -14.95
N GLY C 122 4.99 -21.52 -15.80
CA GLY C 122 5.53 -21.53 -17.15
C GLY C 122 7.03 -21.78 -17.16
N ASP C 123 7.78 -20.92 -17.85
CA ASP C 123 9.24 -21.06 -17.85
C ASP C 123 9.92 -20.15 -16.84
N GLN C 124 9.14 -19.47 -16.00
CA GLN C 124 9.65 -18.49 -15.05
C GLN C 124 9.70 -19.07 -13.63
N VAL C 125 10.80 -18.80 -12.92
CA VAL C 125 10.97 -19.22 -11.54
C VAL C 125 11.34 -18.00 -10.72
N CYS C 126 10.64 -17.80 -9.60
CA CYS C 126 10.95 -16.72 -8.68
C CYS C 126 11.51 -17.33 -7.39
N ARG C 127 12.64 -16.79 -6.92
CA ARG C 127 13.37 -17.29 -5.76
C ARG C 127 13.35 -16.28 -4.61
N GLN C 128 12.90 -16.73 -3.45
CA GLN C 128 12.80 -15.88 -2.27
C GLN C 128 13.45 -16.54 -1.07
N VAL C 129 14.14 -15.72 -0.28
CA VAL C 129 14.81 -16.20 0.94
C VAL C 129 14.28 -15.39 2.12
N PHE C 130 13.96 -16.09 3.20
CA PHE C 130 13.44 -15.50 4.42
C PHE C 130 14.32 -15.86 5.60
N LYS C 131 14.48 -14.90 6.50
CA LYS C 131 15.08 -15.10 7.81
C LYS C 131 13.98 -14.95 8.86
N LYS C 132 14.15 -15.70 9.94
CA LYS C 132 13.14 -15.74 10.99
C LYS C 132 13.17 -14.40 11.72
N LYS C 133 11.99 -13.83 11.94
CA LYS C 133 11.85 -12.53 12.58
C LYS C 133 11.53 -12.70 14.07
#